data_7Q2I
#
_entry.id   7Q2I
#
_cell.length_a   50.382
_cell.length_b   69.122
_cell.length_c   118.029
_cell.angle_alpha   90.000
_cell.angle_beta   90.000
_cell.angle_gamma   90.000
#
_symmetry.space_group_name_H-M   'I 2 2 2'
#
loop_
_entity.id
_entity.type
_entity.pdbx_description
1 polymer 'Cholinephosphate cytidylyltransferase'
2 non-polymer 1-[(2R)-oxolan-2-yl]methanamine
3 non-polymer Guanidinium
4 water water
#
_entity_poly.entity_id   1
_entity_poly.type   'polypeptide(L)'
_entity_poly.pdbx_seq_one_letter_code
;GHMAVPDDDDDDDNSNDESEYESSQMDSEKNKGSIKNSKNVVIYADGVYDMLHLGHMKQLEQAKKLFENTTLIVGVTSDN
ETKLFKGQVVQTLEERTETLKHIRWVDEIISPCPWVVTPEFLEKYKIDYVAHDDIPYANNQKEDIYAWLKRAGKFKATQR
TEGVSTTDLIVRILKNYEDY
;
_entity_poly.pdbx_strand_id   A
#
# COMPACT_ATOMS: atom_id res chain seq x y z
N SER A 38 13.72 -4.13 -21.60
CA SER A 38 14.64 -4.17 -20.46
C SER A 38 14.21 -5.25 -19.44
N LYS A 39 15.12 -5.53 -18.50
CA LYS A 39 14.91 -6.62 -17.55
C LYS A 39 13.79 -6.30 -16.58
N ASN A 40 13.09 -7.34 -16.13
CA ASN A 40 11.96 -7.15 -15.24
C ASN A 40 12.44 -6.80 -13.83
N VAL A 41 11.77 -5.83 -13.21
CA VAL A 41 12.15 -5.32 -11.91
C VAL A 41 11.03 -5.64 -10.93
N VAL A 42 11.38 -6.24 -9.79
CA VAL A 42 10.37 -6.61 -8.80
C VAL A 42 10.24 -5.49 -7.77
N ILE A 43 9.02 -4.96 -7.66
CA ILE A 43 8.71 -3.85 -6.77
C ILE A 43 7.81 -4.37 -5.66
N TYR A 44 8.06 -3.92 -4.44
CA TYR A 44 7.22 -4.28 -3.30
C TYR A 44 6.66 -3.02 -2.67
N ALA A 45 5.33 -2.99 -2.49
CA ALA A 45 4.67 -1.91 -1.77
C ALA A 45 3.76 -2.55 -0.73
N ASP A 46 3.74 -2.02 0.49
CA ASP A 46 2.84 -2.59 1.49
C ASP A 46 1.99 -1.50 2.11
N GLY A 47 0.98 -1.92 2.86
CA GLY A 47 0.07 -0.98 3.43
C GLY A 47 -1.15 -1.69 4.01
N VAL A 48 -2.06 -0.88 4.54
CA VAL A 48 -3.30 -1.42 5.07
C VAL A 48 -4.33 -1.59 3.98
N TYR A 49 -4.49 -0.59 3.11
CA TYR A 49 -5.48 -0.66 2.02
C TYR A 49 -6.90 -0.85 2.55
N ASP A 50 -7.22 -0.17 3.65
CA ASP A 50 -8.58 -0.18 4.18
C ASP A 50 -9.47 0.72 3.31
N MET A 51 -10.66 0.25 2.97
CA MET A 51 -11.62 1.05 2.22
C MET A 51 -10.98 1.63 0.95
N LEU A 52 -10.44 0.73 0.11
CA LEU A 52 -9.58 1.15 -0.99
C LEU A 52 -10.21 2.30 -1.79
N HIS A 53 -9.39 3.33 -2.05
CA HIS A 53 -9.88 4.50 -2.76
C HIS A 53 -8.88 4.95 -3.82
N LEU A 54 -9.26 6.00 -4.55
CA LEU A 54 -8.45 6.47 -5.67
C LEU A 54 -7.02 6.77 -5.25
N GLY A 55 -6.85 7.31 -4.05
CA GLY A 55 -5.51 7.60 -3.56
C GLY A 55 -4.61 6.38 -3.52
N HIS A 56 -5.13 5.26 -2.98
CA HIS A 56 -4.39 4.00 -3.00
C HIS A 56 -4.08 3.59 -4.43
N MET A 57 -5.08 3.70 -5.29
CA MET A 57 -4.92 3.19 -6.64
C MET A 57 -3.84 3.96 -7.40
N LYS A 58 -3.80 5.28 -7.21
CA LYS A 58 -2.75 6.07 -7.86
C LYS A 58 -1.37 5.75 -7.30
N GLN A 59 -1.28 5.43 -6.01
CA GLN A 59 0.00 5.05 -5.42
C GLN A 59 0.48 3.70 -5.95
N LEU A 60 -0.43 2.73 -6.04
CA LEU A 60 -0.10 1.46 -6.67
C LEU A 60 0.33 1.65 -8.12
N GLU A 61 -0.41 2.47 -8.90
CA GLU A 61 0.00 2.77 -10.26
C GLU A 61 1.42 3.34 -10.32
N GLN A 62 1.73 4.24 -9.41
CA GLN A 62 3.06 4.87 -9.45
C GLN A 62 4.13 3.83 -9.16
N ALA A 63 3.90 2.96 -8.18
CA ALA A 63 4.86 1.89 -7.90
C ALA A 63 5.01 0.96 -9.10
N LYS A 64 3.90 0.57 -9.71
CA LYS A 64 3.96 -0.31 -10.87
C LYS A 64 4.75 0.32 -12.01
N LYS A 65 4.72 1.65 -12.15
CA LYS A 65 5.35 2.30 -13.29
C LYS A 65 6.73 2.86 -12.99
N LEU A 66 7.35 2.49 -11.88
CA LEU A 66 8.69 3.03 -11.58
C LEU A 66 9.72 2.64 -12.64
N PHE A 67 9.55 1.49 -13.28
CA PHE A 67 10.41 1.07 -14.38
C PHE A 67 9.54 0.52 -15.51
N GLU A 68 10.15 0.32 -16.69
CA GLU A 68 9.39 -0.09 -17.87
C GLU A 68 8.70 -1.43 -17.66
N ASN A 69 9.43 -2.42 -17.16
CA ASN A 69 8.86 -3.74 -16.95
C ASN A 69 9.05 -4.12 -15.50
N THR A 70 7.93 -4.28 -14.79
CA THR A 70 7.91 -4.55 -13.37
C THR A 70 6.97 -5.69 -13.04
N THR A 71 7.22 -6.27 -11.86
CA THR A 71 6.27 -7.10 -11.15
C THR A 71 5.98 -6.36 -9.85
N LEU A 72 4.73 -5.93 -9.66
CA LEU A 72 4.34 -5.23 -8.43
C LEU A 72 3.73 -6.23 -7.45
N ILE A 73 4.45 -6.45 -6.34
CA ILE A 73 3.98 -7.26 -5.22
C ILE A 73 3.43 -6.31 -4.17
N VAL A 74 2.21 -6.55 -3.70
CA VAL A 74 1.57 -5.70 -2.72
C VAL A 74 1.40 -6.49 -1.44
N GLY A 75 1.88 -5.94 -0.33
CA GLY A 75 1.74 -6.57 0.97
C GLY A 75 0.61 -5.90 1.74
N VAL A 76 -0.25 -6.73 2.33
CA VAL A 76 -1.45 -6.26 3.02
C VAL A 76 -1.26 -6.62 4.49
N THR A 77 -1.28 -5.61 5.36
CA THR A 77 -0.94 -5.83 6.76
C THR A 77 -2.06 -6.57 7.51
N SER A 78 -1.66 -7.38 8.48
CA SER A 78 -2.60 -8.19 9.23
C SER A 78 -3.51 -7.30 10.07
N ASP A 79 -4.65 -7.87 10.46
CA ASP A 79 -5.64 -7.13 11.21
C ASP A 79 -5.11 -6.76 12.60
N ASN A 80 -4.48 -7.73 13.28
CA ASN A 80 -4.08 -7.52 14.66
CA ASN A 80 -4.09 -7.50 14.66
C ASN A 80 -2.88 -6.57 14.75
N GLU A 81 -1.92 -6.73 13.85
CA GLU A 81 -0.76 -5.86 13.90
C GLU A 81 -1.13 -4.43 13.53
N THR A 82 -2.00 -4.26 12.54
CA THR A 82 -2.44 -2.92 12.15
C THR A 82 -3.10 -2.20 13.31
N LYS A 83 -4.01 -2.89 14.02
CA LYS A 83 -4.74 -2.26 15.12
C LYS A 83 -3.82 -1.99 16.31
N LEU A 84 -2.85 -2.88 16.56
CA LEU A 84 -1.94 -2.70 17.68
C LEU A 84 -0.99 -1.53 17.49
N PHE A 85 -0.42 -1.40 16.28
CA PHE A 85 0.66 -0.46 16.01
C PHE A 85 0.23 0.82 15.30
N LYS A 86 -0.86 0.79 14.53
CA LYS A 86 -1.21 1.93 13.69
C LYS A 86 -2.56 2.53 14.04
N GLY A 87 -3.61 1.74 14.05
CA GLY A 87 -4.91 2.23 14.43
C GLY A 87 -6.00 1.37 13.83
N GLN A 88 -7.22 1.90 13.90
CA GLN A 88 -8.41 1.10 13.60
C GLN A 88 -8.53 0.80 12.11
N VAL A 89 -9.11 -0.37 11.82
CA VAL A 89 -9.33 -0.86 10.47
C VAL A 89 -10.79 -1.28 10.35
N VAL A 90 -11.42 -0.89 9.25
CA VAL A 90 -12.83 -1.23 9.05
C VAL A 90 -12.97 -2.63 8.49
N GLN A 91 -12.20 -2.94 7.46
CA GLN A 91 -12.33 -4.18 6.71
C GLN A 91 -11.30 -5.19 7.19
N THR A 92 -11.70 -6.46 7.19
CA THR A 92 -10.79 -7.53 7.56
C THR A 92 -9.69 -7.71 6.52
N LEU A 93 -8.67 -8.48 6.91
CA LEU A 93 -7.61 -8.81 5.96
C LEU A 93 -8.20 -9.42 4.69
N GLU A 94 -9.13 -10.35 4.82
CA GLU A 94 -9.67 -11.02 3.63
C GLU A 94 -10.39 -10.03 2.72
N GLU A 95 -11.13 -9.09 3.30
CA GLU A 95 -11.84 -8.08 2.51
C GLU A 95 -10.86 -7.12 1.82
N ARG A 96 -9.84 -6.66 2.56
CA ARG A 96 -8.90 -5.71 1.99
C ARG A 96 -8.11 -6.38 0.88
N THR A 97 -7.79 -7.66 1.06
CA THR A 97 -7.06 -8.39 0.03
C THR A 97 -7.92 -8.65 -1.19
N GLU A 98 -9.16 -9.08 -0.97
CA GLU A 98 -10.02 -9.37 -2.12
C GLU A 98 -10.22 -8.14 -2.99
N THR A 99 -10.29 -6.96 -2.38
CA THR A 99 -10.50 -5.77 -3.19
C THR A 99 -9.28 -5.46 -4.06
N LEU A 100 -8.08 -5.57 -3.48
CA LEU A 100 -6.85 -5.31 -4.21
C LEU A 100 -6.67 -6.22 -5.41
N LYS A 101 -7.22 -7.43 -5.36
CA LYS A 101 -7.12 -8.35 -6.47
C LYS A 101 -7.72 -7.79 -7.75
N HIS A 102 -8.62 -6.80 -7.64
CA HIS A 102 -9.29 -6.22 -8.79
C HIS A 102 -8.56 -5.03 -9.39
N ILE A 103 -7.41 -4.65 -8.84
CA ILE A 103 -6.70 -3.44 -9.27
C ILE A 103 -5.68 -3.81 -10.34
N ARG A 104 -5.68 -3.07 -11.44
CA ARG A 104 -4.96 -3.55 -12.62
C ARG A 104 -3.45 -3.55 -12.41
N TRP A 105 -2.94 -2.73 -11.49
CA TRP A 105 -1.49 -2.59 -11.28
C TRP A 105 -0.92 -3.72 -10.43
N VAL A 106 -1.76 -4.50 -9.77
CA VAL A 106 -1.33 -5.46 -8.76
C VAL A 106 -0.99 -6.76 -9.46
N ASP A 107 0.26 -7.19 -9.37
CA ASP A 107 0.65 -8.45 -10.00
C ASP A 107 0.63 -9.62 -9.03
N GLU A 108 1.05 -9.39 -7.78
CA GLU A 108 1.09 -10.41 -6.76
C GLU A 108 0.71 -9.78 -5.44
N ILE A 109 0.11 -10.57 -4.55
CA ILE A 109 -0.25 -10.10 -3.22
C ILE A 109 0.34 -11.05 -2.19
N ILE A 110 0.94 -10.47 -1.16
CA ILE A 110 1.36 -11.21 0.03
C ILE A 110 0.44 -10.78 1.16
N SER A 111 -0.39 -11.71 1.62
CA SER A 111 -1.45 -11.40 2.57
C SER A 111 -1.59 -12.53 3.57
N PRO A 112 -1.29 -12.31 4.86
CA PRO A 112 -0.78 -11.04 5.40
C PRO A 112 0.70 -10.84 5.10
N CYS A 113 1.14 -9.61 5.06
CA CYS A 113 2.56 -9.35 4.93
C CYS A 113 3.17 -9.10 6.29
N PRO A 114 4.49 -9.14 6.39
CA PRO A 114 5.15 -8.82 7.65
C PRO A 114 4.94 -7.35 7.99
N TRP A 115 4.88 -7.06 9.30
CA TRP A 115 4.71 -5.68 9.69
C TRP A 115 5.97 -4.86 9.42
N VAL A 116 7.14 -5.45 9.62
CA VAL A 116 8.41 -4.79 9.36
C VAL A 116 9.13 -5.54 8.24
N VAL A 117 9.50 -4.81 7.18
CA VAL A 117 10.31 -5.37 6.11
C VAL A 117 11.73 -5.62 6.61
N THR A 118 12.26 -6.79 6.29
CA THR A 118 13.63 -7.20 6.60
C THR A 118 14.45 -7.45 5.34
N PRO A 119 15.78 -7.38 5.43
CA PRO A 119 16.60 -7.72 4.25
C PRO A 119 16.38 -9.15 3.79
N GLU A 120 16.14 -10.07 4.72
CA GLU A 120 15.89 -11.45 4.33
C GLU A 120 14.54 -11.61 3.62
N PHE A 121 13.56 -10.79 3.97
CA PHE A 121 12.29 -10.80 3.22
C PHE A 121 12.50 -10.42 1.76
N LEU A 122 13.27 -9.36 1.52
CA LEU A 122 13.58 -8.94 0.16
C LEU A 122 14.33 -10.04 -0.59
N GLU A 123 15.26 -10.71 0.10
CA GLU A 123 15.95 -11.83 -0.52
C GLU A 123 14.98 -12.96 -0.86
N LYS A 124 14.03 -13.26 0.04
CA LYS A 124 13.16 -14.41 -0.11
C LYS A 124 12.22 -14.26 -1.32
N TYR A 125 11.73 -13.05 -1.57
CA TYR A 125 10.83 -12.82 -2.69
C TYR A 125 11.52 -12.12 -3.86
N LYS A 126 12.85 -12.08 -3.87
CA LYS A 126 13.62 -11.45 -4.93
C LYS A 126 13.07 -10.07 -5.29
N ILE A 127 12.91 -9.25 -4.26
CA ILE A 127 12.42 -7.89 -4.42
C ILE A 127 13.59 -6.96 -4.70
N ASP A 128 13.47 -6.17 -5.77
CA ASP A 128 14.52 -5.22 -6.13
C ASP A 128 14.37 -3.88 -5.45
N TYR A 129 13.15 -3.36 -5.34
CA TYR A 129 12.92 -2.05 -4.73
C TYR A 129 11.67 -2.13 -3.87
N VAL A 130 11.65 -1.32 -2.82
CA VAL A 130 10.46 -1.13 -2.00
C VAL A 130 9.96 0.27 -2.29
N ALA A 131 8.69 0.37 -2.67
CA ALA A 131 8.06 1.64 -3.00
C ALA A 131 7.17 2.07 -1.86
N HIS A 132 7.35 3.30 -1.37
CA HIS A 132 6.31 3.86 -0.52
C HIS A 132 6.61 5.32 -0.22
N ASP A 133 5.64 5.95 0.42
CA ASP A 133 5.63 7.39 0.65
C ASP A 133 6.68 7.84 1.65
N GLU A 143 15.52 6.04 14.41
CA GLU A 143 14.79 7.21 13.86
C GLU A 143 14.22 6.83 12.49
N ASP A 144 15.03 6.96 11.42
CA ASP A 144 14.57 6.48 10.12
C ASP A 144 14.65 4.97 10.06
N ILE A 145 13.52 4.28 10.29
CA ILE A 145 13.53 2.82 10.24
C ILE A 145 13.74 2.28 8.84
N TYR A 146 13.72 3.15 7.82
CA TYR A 146 13.94 2.74 6.44
C TYR A 146 15.31 3.16 5.93
N ALA A 147 16.20 3.61 6.81
CA ALA A 147 17.53 4.01 6.38
C ALA A 147 18.24 2.86 5.69
N TRP A 148 18.11 1.64 6.21
CA TRP A 148 18.81 0.53 5.56
C TRP A 148 18.33 0.33 4.12
N LEU A 149 17.04 0.56 3.86
CA LEU A 149 16.54 0.47 2.49
C LEU A 149 17.21 1.49 1.59
N LYS A 150 17.27 2.74 2.05
CA LYS A 150 17.92 3.76 1.25
C LYS A 150 19.40 3.46 1.09
N ARG A 151 20.06 3.04 2.16
CA ARG A 151 21.46 2.65 2.11
C ARG A 151 21.70 1.60 1.05
N ALA A 152 20.74 0.68 0.88
CA ALA A 152 20.91 -0.43 -0.07
C ALA A 152 20.55 -0.04 -1.49
N GLY A 153 20.04 1.17 -1.71
CA GLY A 153 19.59 1.53 -3.05
C GLY A 153 18.25 0.95 -3.43
N LYS A 154 17.45 0.49 -2.48
CA LYS A 154 16.21 -0.19 -2.77
C LYS A 154 14.97 0.62 -2.37
N PHE A 155 15.12 1.89 -2.02
CA PHE A 155 14.00 2.73 -1.62
C PHE A 155 13.53 3.57 -2.80
N LYS A 156 12.25 3.46 -3.17
CA LYS A 156 11.69 4.33 -4.20
C LYS A 156 10.48 5.06 -3.64
N ALA A 157 10.50 6.38 -3.71
CA ALA A 157 9.44 7.18 -3.14
C ALA A 157 8.22 7.18 -4.04
N THR A 158 7.04 7.16 -3.44
CA THR A 158 5.77 7.43 -4.08
C THR A 158 5.03 8.47 -3.24
N GLN A 159 3.95 9.01 -3.80
CA GLN A 159 3.24 10.14 -3.19
C GLN A 159 1.81 9.77 -2.85
N ARG A 160 1.27 10.50 -1.88
CA ARG A 160 -0.13 10.37 -1.48
C ARG A 160 -0.96 11.47 -2.14
N THR A 161 -2.20 11.13 -2.50
CA THR A 161 -3.17 12.11 -2.98
C THR A 161 -4.09 12.49 -1.83
N GLU A 162 -4.18 13.78 -1.53
CA GLU A 162 -5.13 14.28 -0.55
C GLU A 162 -6.54 14.35 -1.13
N GLY A 163 -7.53 14.23 -0.24
CA GLY A 163 -8.89 14.61 -0.57
C GLY A 163 -9.66 13.67 -1.46
N VAL A 164 -9.18 12.43 -1.61
CA VAL A 164 -9.87 11.45 -2.44
C VAL A 164 -10.28 10.22 -1.66
N SER A 165 -10.20 10.27 -0.32
CA SER A 165 -10.41 9.06 0.45
C SER A 165 -11.89 8.72 0.54
N THR A 166 -12.13 7.45 0.87
CA THR A 166 -13.50 7.02 1.09
C THR A 166 -14.20 7.88 2.13
N THR A 167 -13.52 8.19 3.24
CA THR A 167 -14.13 9.02 4.27
C THR A 167 -14.40 10.44 3.79
N ASP A 168 -13.60 10.93 2.82
CA ASP A 168 -13.87 12.25 2.26
C ASP A 168 -15.20 12.28 1.52
N LEU A 169 -15.56 11.19 0.84
CA LEU A 169 -16.85 11.14 0.15
C LEU A 169 -18.01 11.19 1.14
N ILE A 170 -17.88 10.54 2.28
CA ILE A 170 -18.97 10.58 3.25
C ILE A 170 -19.21 12.02 3.71
N VAL A 171 -18.14 12.78 3.95
CA VAL A 171 -18.28 14.18 4.33
C VAL A 171 -19.06 14.94 3.26
N ARG A 172 -18.73 14.70 1.98
CA ARG A 172 -19.47 15.36 0.91
CA ARG A 172 -19.48 15.34 0.89
C ARG A 172 -20.96 15.03 0.98
N ILE A 173 -21.30 13.77 1.25
CA ILE A 173 -22.71 13.40 1.35
C ILE A 173 -23.39 14.23 2.43
N LEU A 174 -22.74 14.35 3.58
CA LEU A 174 -23.34 14.99 4.75
C LEU A 174 -23.61 16.48 4.53
N LYS A 175 -22.87 17.12 3.64
CA LYS A 175 -23.05 18.58 3.45
C LYS A 175 -24.35 18.93 2.73
N ASN A 176 -25.08 17.97 2.18
CA ASN A 176 -26.43 18.22 1.67
C ASN A 176 -27.42 18.55 2.78
N TYR A 177 -26.99 18.43 4.04
CA TYR A 177 -27.85 18.59 5.20
C TYR A 177 -27.33 19.80 5.98
N GLU A 178 -28.09 20.90 5.88
CA GLU A 178 -27.69 22.16 6.47
C GLU A 178 -27.74 22.06 7.99
N ASP A 179 -26.71 22.59 8.66
CA ASP A 179 -26.72 22.67 10.11
C ASP A 179 -28.04 23.26 10.61
N TYR A 180 -28.61 24.20 9.86
CA TYR A 180 -29.83 24.90 10.26
C TYR A 180 -30.86 24.97 9.13
#